data_5XQL
#
_entry.id   5XQL
#
_cell.length_a   135.944
_cell.length_b   135.944
_cell.length_c   95.127
_cell.angle_alpha   90.00
_cell.angle_beta   90.00
_cell.angle_gamma   90.00
#
_symmetry.space_group_name_H-M   'I 4 2 2'
#
loop_
_entity.id
_entity.type
_entity.pdbx_description
1 polymer 'Multidrug-efflux transporter 1 regulator'
2 non-polymer "9,9'-[(2R,3R,3aS,5S,7aR,9R,10R,10aS,12S,14aR)-3,5,10,12-tetrahydroxy-5,12-dioxidooctahydro-2H,7H-difuro[3,2-d:3',2'-j][1,3,7,9,2,8]tetraoxadiphosphacyclododecine-2,9-diyl]bis(2-amino-1,9-dihydro-6H-purin-6-one)"
#
_entity_poly.entity_id   1
_entity_poly.type   'polypeptide(L)'
_entity_poly.pdbx_seq_one_letter_code
;MGSSHHHHHHSSGLVPRGSHMLTIGQLARIFEISTKTLRHYDAIGLFVPARTGSDNGYRYYQPEQIEQLSRILALRRLDV
PLEAIDRLKRDGALDDPQRLRHFLQRHQHTLREEISARQRLLAELDRTLATLAHWRIRNMHARIVERPAFSVVGMEYFGS
APGDTIGQLWERFIPREHEIAGKHDPEVSYGICAQQPNGEFHYVAGFEVQEGWPVPEGMVRFQVPAQKYAVFTHKGTAPQ
IAESFQAIYSHLLAERGLEPKAGVDFEYYDQRFRGPLDPNSQVDLYIPIYG
;
_entity_poly.pdbx_strand_id   A
#
# COMPACT_ATOMS: atom_id res chain seq x y z
N MET A 21 -18.30 -39.53 31.12
CA MET A 21 -18.53 -39.39 29.68
C MET A 21 -19.03 -38.01 29.32
N LEU A 22 -18.85 -37.65 28.06
CA LEU A 22 -19.20 -36.33 27.57
C LEU A 22 -20.35 -36.39 26.57
N THR A 23 -21.29 -35.47 26.71
CA THR A 23 -22.30 -35.29 25.69
C THR A 23 -21.69 -34.61 24.47
N ILE A 24 -22.42 -34.68 23.35
CA ILE A 24 -21.92 -34.05 22.15
C ILE A 24 -21.87 -32.53 22.32
N GLY A 25 -22.76 -31.98 23.14
CA GLY A 25 -22.70 -30.55 23.40
C GLY A 25 -21.48 -30.17 24.22
N GLN A 26 -21.14 -30.99 25.21
CA GLN A 26 -19.93 -30.73 26.00
C GLN A 26 -18.68 -30.82 25.14
N LEU A 27 -18.60 -31.86 24.31
CA LEU A 27 -17.44 -32.02 23.43
C LEU A 27 -17.33 -30.86 22.46
N ALA A 28 -18.45 -30.55 21.77
CA ALA A 28 -18.42 -29.44 20.80
C ALA A 28 -18.12 -28.11 21.48
N ARG A 29 -18.50 -27.96 22.74
CA ARG A 29 -18.21 -26.71 23.45
C ARG A 29 -16.71 -26.54 23.67
N ILE A 30 -16.09 -27.51 24.34
CA ILE A 30 -14.68 -27.37 24.70
C ILE A 30 -13.78 -27.28 23.49
N PHE A 31 -14.27 -27.69 22.32
CA PHE A 31 -13.55 -27.55 21.05
C PHE A 31 -14.13 -26.45 20.19
N GLU A 32 -15.06 -25.65 20.73
CA GLU A 32 -15.83 -24.65 19.99
C GLU A 32 -16.09 -25.05 18.54
N ILE A 33 -16.92 -26.07 18.34
CA ILE A 33 -17.38 -26.47 17.02
C ILE A 33 -18.89 -26.67 17.07
N SER A 34 -19.48 -26.97 15.91
CA SER A 34 -20.91 -27.21 15.82
C SER A 34 -21.20 -28.66 16.16
N THR A 35 -22.42 -28.90 16.65
CA THR A 35 -22.76 -30.25 17.08
C THR A 35 -22.95 -31.19 15.90
N LYS A 36 -23.27 -30.70 14.69
CA LYS A 36 -23.46 -31.59 13.57
C LYS A 36 -22.14 -31.90 12.84
N THR A 37 -21.09 -31.10 13.03
CA THR A 37 -19.76 -31.54 12.63
C THR A 37 -19.41 -32.90 13.26
N LEU A 38 -19.91 -33.15 14.48
CA LEU A 38 -19.58 -34.40 15.18
C LEU A 38 -20.46 -35.57 14.74
N ARG A 39 -21.70 -35.29 14.38
CA ARG A 39 -22.59 -36.33 13.90
C ARG A 39 -22.13 -36.66 12.48
N HIS A 40 -21.59 -35.66 11.81
CA HIS A 40 -21.10 -35.87 10.46
C HIS A 40 -19.96 -36.86 10.57
N TYR A 41 -18.96 -36.51 11.38
CA TYR A 41 -17.82 -37.39 11.57
C TYR A 41 -18.29 -38.79 11.87
N ASP A 42 -19.42 -38.88 12.56
CA ASP A 42 -19.99 -40.18 12.90
C ASP A 42 -20.56 -40.87 11.66
N ALA A 43 -21.22 -40.11 10.78
CA ALA A 43 -21.73 -40.68 9.54
C ALA A 43 -20.61 -41.18 8.66
N ILE A 44 -19.50 -40.44 8.59
CA ILE A 44 -18.35 -40.90 7.82
C ILE A 44 -17.77 -42.15 8.44
N GLY A 45 -17.93 -42.33 9.75
CA GLY A 45 -17.17 -43.34 10.47
C GLY A 45 -15.79 -42.88 10.85
N LEU A 46 -15.49 -41.60 10.66
CA LEU A 46 -14.18 -41.06 11.05
C LEU A 46 -14.06 -40.97 12.56
N PHE A 47 -14.93 -40.18 13.19
CA PHE A 47 -14.93 -40.00 14.64
C PHE A 47 -16.29 -40.47 15.16
N VAL A 48 -16.32 -41.70 15.67
CA VAL A 48 -17.56 -42.30 16.17
C VAL A 48 -17.64 -42.13 17.68
N PRO A 49 -18.80 -41.78 18.22
CA PRO A 49 -18.97 -41.78 19.68
C PRO A 49 -18.84 -43.20 20.23
N ALA A 50 -18.47 -43.26 21.50
CA ALA A 50 -18.23 -44.56 22.14
C ALA A 50 -19.51 -45.37 22.25
N ARG A 51 -20.66 -44.71 22.37
CA ARG A 51 -21.94 -45.39 22.42
C ARG A 51 -23.06 -44.39 22.19
N THR A 52 -24.21 -44.89 21.78
CA THR A 52 -25.39 -44.09 21.55
C THR A 52 -26.37 -44.25 22.71
N GLY A 53 -26.94 -43.14 23.15
CA GLY A 53 -27.92 -43.15 24.22
C GLY A 53 -29.09 -44.06 23.94
N SER A 54 -29.21 -45.14 24.72
CA SER A 54 -30.22 -46.16 24.48
C SER A 54 -31.62 -45.72 24.91
N ASP A 55 -31.79 -44.49 25.37
CA ASP A 55 -33.11 -44.00 25.72
C ASP A 55 -33.41 -42.62 25.14
N ASN A 56 -32.46 -42.00 24.43
CA ASN A 56 -32.70 -40.73 23.78
C ASN A 56 -32.07 -40.64 22.39
N GLY A 57 -31.35 -41.69 21.99
CA GLY A 57 -30.70 -41.70 20.69
C GLY A 57 -29.61 -40.65 20.57
N TYR A 58 -29.08 -40.22 21.71
CA TYR A 58 -28.02 -39.23 21.72
C TYR A 58 -26.66 -39.89 21.61
N ARG A 59 -25.66 -39.11 21.21
CA ARG A 59 -24.30 -39.60 21.07
C ARG A 59 -23.51 -39.25 22.33
N TYR A 60 -22.67 -40.17 22.78
CA TYR A 60 -21.89 -39.92 23.99
C TYR A 60 -20.45 -40.34 23.75
N TYR A 61 -19.51 -39.47 24.10
CA TYR A 61 -18.10 -39.69 23.87
C TYR A 61 -17.37 -39.87 25.21
N GLN A 62 -16.24 -40.60 25.15
CA GLN A 62 -15.36 -40.80 26.29
C GLN A 62 -14.29 -39.70 26.33
N PRO A 63 -13.76 -39.41 27.52
CA PRO A 63 -12.72 -38.40 27.64
C PRO A 63 -11.46 -38.81 26.88
N GLU A 64 -11.34 -40.09 26.58
CA GLU A 64 -10.17 -40.61 25.88
C GLU A 64 -10.17 -40.19 24.41
N GLN A 65 -11.31 -39.75 23.93
CA GLN A 65 -11.42 -39.33 22.54
C GLN A 65 -11.13 -37.86 22.30
N ILE A 66 -10.92 -37.10 23.36
CA ILE A 66 -10.65 -35.67 23.22
C ILE A 66 -9.39 -35.45 22.39
N GLU A 67 -8.29 -36.11 22.77
CA GLU A 67 -7.06 -35.93 22.02
C GLU A 67 -7.19 -36.42 20.58
N GLN A 68 -8.07 -37.39 20.33
CA GLN A 68 -8.27 -37.85 18.95
C GLN A 68 -9.01 -36.80 18.13
N LEU A 69 -10.12 -36.28 18.66
CA LEU A 69 -10.80 -35.19 17.97
C LEU A 69 -9.89 -33.97 17.86
N SER A 70 -9.05 -33.74 18.86
CA SER A 70 -8.13 -32.60 18.80
C SER A 70 -7.22 -32.69 17.59
N ARG A 71 -6.71 -33.89 17.29
CA ARG A 71 -5.83 -34.02 16.13
C ARG A 71 -6.60 -33.90 14.83
N ILE A 72 -7.81 -34.46 14.78
CA ILE A 72 -8.66 -34.31 13.59
C ILE A 72 -8.90 -32.84 13.29
N LEU A 73 -9.28 -32.07 14.31
CA LEU A 73 -9.55 -30.65 14.09
C LEU A 73 -8.28 -29.87 13.80
N ALA A 74 -7.13 -30.35 14.29
CA ALA A 74 -5.88 -29.67 13.99
C ALA A 74 -5.50 -29.84 12.52
N LEU A 75 -5.89 -30.96 11.91
CA LEU A 75 -5.67 -31.13 10.48
C LEU A 75 -6.58 -30.20 9.68
N ARG A 76 -7.85 -30.11 10.07
CA ARG A 76 -8.75 -29.18 9.41
C ARG A 76 -8.27 -27.74 9.53
N ARG A 77 -7.60 -27.40 10.64
CA ARG A 77 -7.05 -26.06 10.79
C ARG A 77 -5.95 -25.80 9.77
N LEU A 78 -5.23 -26.84 9.35
CA LEU A 78 -4.24 -26.75 8.30
C LEU A 78 -4.85 -26.88 6.91
N ASP A 79 -6.15 -26.64 6.80
CA ASP A 79 -6.90 -26.70 5.54
C ASP A 79 -6.82 -28.07 4.88
N VAL A 80 -6.38 -29.09 5.61
CA VAL A 80 -6.38 -30.45 5.07
C VAL A 80 -7.82 -30.87 4.82
N PRO A 81 -8.17 -31.33 3.61
CA PRO A 81 -9.54 -31.77 3.36
C PRO A 81 -9.93 -32.92 4.26
N LEU A 82 -11.25 -33.03 4.49
CA LEU A 82 -11.75 -34.07 5.39
C LEU A 82 -11.60 -35.46 4.77
N GLU A 83 -11.76 -35.55 3.44
CA GLU A 83 -11.58 -36.85 2.78
C GLU A 83 -10.15 -37.34 2.93
N ALA A 84 -9.18 -36.42 2.95
CA ALA A 84 -7.81 -36.79 3.30
C ALA A 84 -7.77 -37.37 4.71
N ILE A 85 -8.35 -36.65 5.68
CA ILE A 85 -8.40 -37.14 7.06
C ILE A 85 -9.05 -38.52 7.11
N ASP A 86 -10.14 -38.71 6.37
CA ASP A 86 -10.78 -40.02 6.35
C ASP A 86 -9.86 -41.07 5.75
N ARG A 87 -9.06 -40.70 4.75
CA ARG A 87 -8.10 -41.64 4.19
C ARG A 87 -7.06 -42.05 5.23
N LEU A 88 -6.59 -41.07 6.02
CA LEU A 88 -5.65 -41.39 7.09
C LEU A 88 -6.28 -42.26 8.18
N LYS A 89 -7.55 -42.06 8.46
CA LYS A 89 -8.22 -42.83 9.50
C LYS A 89 -8.36 -44.29 9.11
N ARG A 90 -8.67 -44.54 7.85
CA ARG A 90 -8.85 -45.91 7.39
C ARG A 90 -7.58 -46.74 7.35
N ASP A 91 -6.55 -46.24 6.68
CA ASP A 91 -5.32 -47.02 6.55
C ASP A 91 -4.43 -46.92 7.79
N GLY A 92 -4.98 -46.46 8.92
CA GLY A 92 -4.29 -46.48 10.19
C GLY A 92 -3.27 -45.39 10.41
N ALA A 93 -3.06 -44.50 9.44
CA ALA A 93 -2.01 -43.49 9.60
C ALA A 93 -2.43 -42.39 10.56
N LEU A 94 -3.74 -42.17 10.76
CA LEU A 94 -4.20 -41.11 11.64
C LEU A 94 -3.95 -41.43 13.11
N ASP A 95 -4.02 -42.71 13.48
CA ASP A 95 -3.75 -43.15 14.85
C ASP A 95 -2.32 -43.62 15.05
N ASP A 96 -1.39 -43.16 14.21
CA ASP A 96 0.03 -43.50 14.33
C ASP A 96 0.84 -42.21 14.35
N PRO A 97 1.51 -41.88 15.46
CA PRO A 97 2.26 -40.61 15.50
C PRO A 97 3.38 -40.52 14.49
N GLN A 98 3.97 -41.66 14.10
CA GLN A 98 5.04 -41.61 13.12
C GLN A 98 4.49 -41.43 11.71
N ARG A 99 3.47 -42.20 11.34
CA ARG A 99 2.87 -42.03 10.03
C ARG A 99 2.21 -40.66 9.90
N LEU A 100 1.59 -40.18 10.98
CA LEU A 100 0.96 -38.87 10.93
C LEU A 100 2.00 -37.75 10.80
N ARG A 101 3.10 -37.84 11.56
CA ARG A 101 4.16 -36.85 11.42
C ARG A 101 4.71 -36.84 10.01
N HIS A 102 4.79 -38.01 9.37
CA HIS A 102 5.24 -38.09 7.99
C HIS A 102 4.32 -37.31 7.06
N PHE A 103 3.01 -37.51 7.21
CA PHE A 103 2.04 -36.74 6.44
C PHE A 103 2.25 -35.24 6.61
N LEU A 104 2.42 -34.80 7.84
CA LEU A 104 2.55 -33.38 8.10
C LEU A 104 3.84 -32.74 7.58
N GLN A 105 4.94 -33.48 7.62
CA GLN A 105 6.20 -32.93 7.13
C GLN A 105 6.10 -32.76 5.62
N ARG A 106 5.48 -33.75 4.99
CA ARG A 106 5.27 -33.72 3.56
C ARG A 106 4.48 -32.48 3.25
N HIS A 107 3.35 -32.34 3.92
CA HIS A 107 2.51 -31.16 3.72
C HIS A 107 3.26 -29.88 4.05
N GLN A 108 4.16 -29.93 5.04
CA GLN A 108 4.99 -28.77 5.34
C GLN A 108 5.88 -28.43 4.15
N HIS A 109 6.54 -29.44 3.57
CA HIS A 109 7.41 -29.21 2.43
C HIS A 109 6.67 -28.50 1.30
N THR A 110 5.42 -28.90 1.05
CA THR A 110 4.64 -28.24 0.00
C THR A 110 4.40 -26.78 0.33
N LEU A 111 4.03 -26.49 1.59
CA LEU A 111 3.77 -25.10 1.96
C LEU A 111 5.01 -24.24 1.78
N ARG A 112 6.19 -24.77 2.12
CA ARG A 112 7.41 -24.00 1.96
C ARG A 112 7.71 -23.76 0.48
N GLU A 113 7.48 -24.76 -0.37
CA GLU A 113 7.76 -24.58 -1.79
C GLU A 113 6.76 -23.62 -2.43
N GLU A 114 5.49 -23.70 -2.05
CA GLU A 114 4.50 -22.74 -2.55
C GLU A 114 4.89 -21.33 -2.17
N ILE A 115 5.48 -21.14 -0.99
CA ILE A 115 5.93 -19.83 -0.57
C ILE A 115 7.16 -19.41 -1.37
N SER A 116 8.12 -20.33 -1.53
CA SER A 116 9.32 -20.00 -2.29
C SER A 116 8.98 -19.64 -3.73
N ALA A 117 8.12 -20.43 -4.37
CA ALA A 117 7.72 -20.15 -5.75
C ALA A 117 7.06 -18.78 -5.88
N ARG A 118 6.26 -18.40 -4.90
CA ARG A 118 5.61 -17.10 -4.96
C ARG A 118 6.60 -15.97 -4.66
N GLN A 119 7.56 -16.22 -3.76
CA GLN A 119 8.59 -15.22 -3.49
C GLN A 119 9.44 -14.95 -4.73
N ARG A 120 9.77 -16.00 -5.48
CA ARG A 120 10.47 -15.81 -6.74
C ARG A 120 9.67 -14.91 -7.69
N LEU A 121 8.35 -15.07 -7.70
CA LEU A 121 7.52 -14.24 -8.57
C LEU A 121 7.55 -12.78 -8.13
N LEU A 122 7.63 -12.53 -6.83
CA LEU A 122 7.69 -11.16 -6.34
C LEU A 122 8.96 -10.47 -6.79
N ALA A 123 10.07 -11.21 -6.85
CA ALA A 123 11.32 -10.65 -7.38
C ALA A 123 11.18 -10.33 -8.86
N GLU A 124 10.67 -11.28 -9.64
CA GLU A 124 10.39 -11.01 -11.05
C GLU A 124 9.36 -9.90 -11.21
N LEU A 125 8.37 -9.84 -10.32
CA LEU A 125 7.41 -8.75 -10.36
C LEU A 125 8.10 -7.43 -10.08
N ASP A 126 8.91 -7.39 -9.03
CA ASP A 126 9.55 -6.15 -8.64
C ASP A 126 10.56 -5.73 -9.69
N ARG A 127 11.22 -6.69 -10.33
CA ARG A 127 12.10 -6.36 -11.45
C ARG A 127 11.30 -5.82 -12.63
N THR A 128 10.08 -6.33 -12.85
CA THR A 128 9.26 -5.81 -13.94
C THR A 128 8.71 -4.44 -13.63
N LEU A 129 8.46 -4.13 -12.36
CA LEU A 129 7.99 -2.80 -12.00
C LEU A 129 9.06 -1.74 -12.28
N ALA A 130 10.33 -2.08 -12.09
CA ALA A 130 11.39 -1.13 -12.36
C ALA A 130 11.43 -0.75 -13.84
N THR A 131 11.31 -1.74 -14.73
CA THR A 131 11.32 -1.41 -16.16
C THR A 131 10.12 -0.58 -16.57
N LEU A 132 9.04 -0.63 -15.80
CA LEU A 132 7.86 0.14 -16.15
C LEU A 132 8.09 1.62 -15.89
N ALA A 133 9.02 1.91 -15.00
CA ALA A 133 9.36 3.28 -14.65
C ALA A 133 10.06 3.98 -15.79
N HIS A 134 10.98 3.27 -16.44
CA HIS A 134 11.71 3.84 -17.54
C HIS A 134 10.78 4.08 -18.70
N TRP A 135 9.81 3.20 -18.86
CA TRP A 135 8.85 3.36 -19.94
C TRP A 135 8.00 4.60 -19.67
N ARG A 136 7.71 4.85 -18.41
CA ARG A 136 6.92 6.01 -18.05
C ARG A 136 7.72 7.28 -18.26
N ILE A 137 8.99 7.27 -17.91
CA ILE A 137 9.84 8.43 -18.09
C ILE A 137 10.05 8.74 -19.58
N ARG A 138 10.16 7.71 -20.39
CA ARG A 138 10.35 7.90 -21.81
C ARG A 138 9.11 8.52 -22.43
N ASN A 139 7.98 8.38 -21.76
CA ASN A 139 6.72 8.90 -22.26
C ASN A 139 6.33 10.22 -21.63
N MET A 140 7.17 10.77 -20.76
CA MET A 140 6.91 12.07 -20.13
C MET A 140 7.38 13.17 -21.06
N HIS A 141 6.49 13.61 -21.94
CA HIS A 141 6.85 14.62 -22.94
C HIS A 141 6.60 16.02 -22.39
N ALA A 142 7.44 16.96 -22.83
CA ALA A 142 7.38 18.33 -22.34
C ALA A 142 6.47 19.17 -23.21
N ARG A 143 5.75 20.09 -22.56
CA ARG A 143 4.97 21.11 -23.24
C ARG A 143 5.43 22.46 -22.75
N ILE A 144 5.73 23.35 -23.68
CA ILE A 144 6.31 24.65 -23.37
C ILE A 144 5.19 25.65 -23.15
N VAL A 145 5.35 26.48 -22.12
CA VAL A 145 4.33 27.46 -21.77
C VAL A 145 5.01 28.62 -21.05
N GLU A 146 4.40 29.79 -21.18
CA GLU A 146 4.84 31.00 -20.51
C GLU A 146 3.68 31.38 -19.60
N ARG A 147 3.95 31.76 -18.37
CA ARG A 147 2.90 32.14 -17.42
C ARG A 147 3.33 33.41 -16.73
N PRO A 148 2.43 34.36 -16.51
CA PRO A 148 2.85 35.61 -15.86
C PRO A 148 3.02 35.40 -14.36
N ALA A 149 3.55 36.44 -13.72
CA ALA A 149 3.78 36.38 -12.28
C ALA A 149 2.46 36.22 -11.54
N PHE A 150 2.51 35.46 -10.45
CA PHE A 150 1.35 35.26 -9.59
C PHE A 150 1.82 35.11 -8.15
N SER A 151 0.90 35.34 -7.23
CA SER A 151 1.21 35.39 -5.81
C SER A 151 0.69 34.13 -5.13
N VAL A 152 1.48 33.60 -4.21
CA VAL A 152 1.16 32.35 -3.51
C VAL A 152 1.30 32.59 -2.02
N VAL A 153 0.34 32.08 -1.26
CA VAL A 153 0.38 32.15 0.21
C VAL A 153 0.31 30.75 0.76
N GLY A 154 1.21 30.43 1.69
CA GLY A 154 1.22 29.12 2.29
C GLY A 154 2.37 29.00 3.26
N MET A 155 2.71 27.77 3.64
CA MET A 155 3.79 27.53 4.58
C MET A 155 5.10 27.36 3.87
N GLU A 156 6.05 28.21 4.21
CA GLU A 156 7.37 28.21 3.59
C GLU A 156 8.40 27.53 4.45
N TYR A 157 9.50 27.14 3.81
CA TYR A 157 10.60 26.50 4.49
C TYR A 157 11.90 26.97 3.86
N PHE A 158 12.74 27.59 4.68
CA PHE A 158 14.03 28.08 4.22
C PHE A 158 15.09 27.06 4.61
N GLY A 159 15.83 26.55 3.65
CA GLY A 159 16.87 25.59 3.97
C GLY A 159 16.96 24.30 3.19
N SER A 160 18.18 23.84 3.00
CA SER A 160 18.43 22.60 2.26
C SER A 160 18.14 21.42 3.18
N ALA A 161 16.88 20.91 3.12
CA ALA A 161 16.45 19.82 3.98
C ALA A 161 16.61 18.47 3.28
N PRO A 162 16.95 17.43 4.03
CA PRO A 162 17.01 16.08 3.45
C PRO A 162 15.66 15.38 3.55
N THR A 165 10.73 15.31 4.26
CA THR A 165 10.45 16.55 4.96
C THR A 165 9.43 17.39 4.22
N ILE A 166 9.60 17.56 2.90
CA ILE A 166 8.65 18.33 2.10
C ILE A 166 7.30 17.70 2.35
N GLY A 167 7.21 16.46 1.94
CA GLY A 167 6.04 15.64 2.18
C GLY A 167 5.56 15.71 3.61
N GLN A 168 6.45 16.05 4.55
CA GLN A 168 6.02 16.36 5.91
C GLN A 168 5.55 17.81 6.04
N LEU A 169 6.19 18.73 5.31
CA LEU A 169 5.69 20.11 5.25
C LEU A 169 4.25 20.13 4.74
N TRP A 170 3.90 19.23 3.83
CA TRP A 170 2.53 19.20 3.34
C TRP A 170 1.57 18.77 4.43
N GLU A 171 1.88 17.68 5.14
CA GLU A 171 1.01 17.27 6.24
C GLU A 171 1.09 18.22 7.41
N ARG A 172 2.17 19.01 7.50
CA ARG A 172 2.18 20.14 8.42
C ARG A 172 1.27 21.28 7.93
N PHE A 173 1.00 21.34 6.62
CA PHE A 173 0.28 22.45 6.02
C PHE A 173 -1.18 22.15 5.77
N ILE A 174 -1.55 20.89 5.52
CA ILE A 174 -2.93 20.57 5.17
C ILE A 174 -3.94 20.94 6.25
N PRO A 175 -3.66 20.78 7.56
CA PRO A 175 -4.70 21.11 8.55
C PRO A 175 -5.00 22.59 8.67
N ARG A 176 -4.03 23.44 8.32
CA ARG A 176 -4.21 24.90 8.39
C ARG A 176 -4.54 25.53 7.05
N GLU A 177 -4.82 24.72 6.04
CA GLU A 177 -5.15 25.26 4.74
C GLU A 177 -6.38 26.15 4.80
N HIS A 178 -7.33 25.75 5.61
CA HIS A 178 -8.58 26.47 5.77
C HIS A 178 -8.43 27.95 6.10
N GLU A 179 -7.43 28.29 6.89
CA GLU A 179 -7.20 29.66 7.30
C GLU A 179 -6.75 30.65 6.23
N ILE A 180 -6.62 30.20 4.99
CA ILE A 180 -6.15 31.10 3.93
C ILE A 180 -7.34 31.75 3.24
N ALA A 181 -7.47 33.05 3.43
CA ALA A 181 -8.56 33.79 2.81
C ALA A 181 -8.16 34.28 1.42
N GLY A 182 -9.16 34.43 0.55
CA GLY A 182 -8.94 34.99 -0.75
C GLY A 182 -8.33 34.06 -1.76
N LYS A 183 -8.56 32.76 -1.62
CA LYS A 183 -7.99 31.78 -2.53
C LYS A 183 -8.61 31.97 -3.92
N HIS A 184 -7.81 32.44 -4.86
CA HIS A 184 -8.31 32.69 -6.21
C HIS A 184 -8.76 31.40 -6.88
N ASP A 185 -8.15 30.27 -6.54
CA ASP A 185 -8.51 29.00 -7.14
C ASP A 185 -8.20 27.85 -6.19
N PRO A 186 -9.17 27.42 -5.38
CA PRO A 186 -8.86 26.46 -4.30
C PRO A 186 -8.64 25.05 -4.78
N GLU A 187 -9.02 24.70 -6.00
CA GLU A 187 -8.85 23.33 -6.47
C GLU A 187 -7.44 23.02 -6.96
N VAL A 188 -6.55 23.99 -6.98
CA VAL A 188 -5.16 23.78 -7.37
C VAL A 188 -4.24 24.40 -6.33
N SER A 189 -3.17 23.67 -5.98
CA SER A 189 -2.17 24.15 -5.04
C SER A 189 -0.78 23.97 -5.66
N TYR A 190 0.22 24.51 -5.00
CA TYR A 190 1.56 24.62 -5.56
C TYR A 190 2.62 24.13 -4.59
N GLY A 191 3.62 23.45 -5.15
CA GLY A 191 4.82 23.10 -4.41
C GLY A 191 6.00 23.83 -4.98
N ILE A 192 6.20 25.06 -4.54
CA ILE A 192 7.19 25.95 -5.14
C ILE A 192 8.56 25.69 -4.56
N CYS A 193 9.57 25.65 -5.43
CA CYS A 193 10.96 25.58 -4.99
C CYS A 193 11.75 26.69 -5.66
N ALA A 194 12.29 27.59 -4.84
CA ALA A 194 13.03 28.75 -5.32
C ALA A 194 14.50 28.62 -4.93
N GLN A 195 15.38 28.93 -5.89
CA GLN A 195 16.80 28.89 -5.62
C GLN A 195 17.24 30.20 -4.97
N GLN A 196 18.26 30.11 -4.14
CA GLN A 196 18.87 31.27 -3.54
C GLN A 196 20.32 31.38 -3.99
N PRO A 197 20.83 32.58 -4.26
CA PRO A 197 22.28 32.72 -4.48
C PRO A 197 23.07 32.17 -3.32
N ASN A 198 22.39 31.91 -2.21
CA ASN A 198 22.96 31.13 -1.13
C ASN A 198 23.62 29.86 -1.66
N GLY A 199 22.88 29.10 -2.45
CA GLY A 199 23.20 27.71 -2.60
C GLY A 199 22.04 26.88 -2.12
N GLU A 200 21.47 27.20 -0.95
CA GLU A 200 20.29 26.51 -0.46
C GLU A 200 19.09 26.74 -1.38
N PHE A 201 18.02 26.00 -1.13
CA PHE A 201 16.76 26.20 -1.82
C PHE A 201 15.68 26.59 -0.82
N HIS A 202 14.58 27.07 -1.37
CA HIS A 202 13.46 27.58 -0.59
C HIS A 202 12.17 26.96 -1.08
N TYR A 203 11.59 26.06 -0.29
CA TYR A 203 10.34 25.42 -0.67
C TYR A 203 9.15 26.09 0.02
N VAL A 204 8.05 26.19 -0.71
CA VAL A 204 6.82 26.79 -0.20
C VAL A 204 5.64 25.98 -0.72
N ALA A 205 4.74 25.60 0.18
CA ALA A 205 3.51 24.92 -0.18
C ALA A 205 2.34 25.86 0.11
N GLY A 206 1.55 26.16 -0.92
CA GLY A 206 0.48 27.12 -0.72
C GLY A 206 -0.48 27.15 -1.88
N PHE A 207 -1.32 28.20 -1.87
CA PHE A 207 -2.34 28.43 -2.89
C PHE A 207 -2.13 29.81 -3.50
N GLU A 208 -2.55 29.96 -4.75
CA GLU A 208 -2.57 31.27 -5.38
C GLU A 208 -3.71 32.10 -4.82
N VAL A 209 -3.38 33.23 -4.24
CA VAL A 209 -4.38 34.13 -3.68
C VAL A 209 -4.09 35.53 -4.15
N GLN A 210 -5.13 36.31 -4.37
CA GLN A 210 -4.99 37.69 -4.81
C GLN A 210 -4.30 38.53 -3.75
N GLU A 211 -3.64 39.60 -4.17
CA GLU A 211 -2.97 40.48 -3.21
C GLU A 211 -4.00 41.27 -2.41
N GLY A 212 -3.60 41.65 -1.21
CA GLY A 212 -4.45 42.41 -0.31
C GLY A 212 -5.08 41.59 0.80
N TRP A 213 -5.14 40.29 0.64
CA TRP A 213 -5.77 39.47 1.67
C TRP A 213 -4.77 39.18 2.80
N PRO A 214 -5.27 38.99 4.01
CA PRO A 214 -4.37 38.75 5.14
C PRO A 214 -3.74 37.37 5.09
N VAL A 215 -2.49 37.32 5.55
CA VAL A 215 -1.71 36.08 5.59
C VAL A 215 -1.86 35.47 6.97
N PRO A 216 -2.39 34.26 7.07
CA PRO A 216 -2.54 33.62 8.37
C PRO A 216 -1.22 33.63 9.13
N GLU A 217 -1.29 33.49 10.45
CA GLU A 217 -0.10 33.50 11.29
C GLU A 217 0.81 32.31 11.06
N GLY A 218 2.10 32.59 10.96
CA GLY A 218 3.09 31.57 10.74
C GLY A 218 3.26 31.18 9.29
N MET A 219 2.54 31.86 8.42
CA MET A 219 2.61 31.59 6.99
C MET A 219 3.19 32.79 6.26
N VAL A 220 3.50 32.58 4.98
CA VAL A 220 4.18 33.60 4.18
C VAL A 220 3.46 33.77 2.85
N ARG A 221 3.80 34.86 2.17
CA ARG A 221 3.31 35.16 0.83
C ARG A 221 4.49 35.19 -0.12
N PHE A 222 4.46 34.35 -1.14
CA PHE A 222 5.55 34.20 -2.09
C PHE A 222 5.08 34.61 -3.47
N GLN A 223 5.93 35.36 -4.16
CA GLN A 223 5.61 35.81 -5.49
C GLN A 223 6.39 35.06 -6.56
N VAL A 224 5.69 34.26 -7.34
CA VAL A 224 6.30 33.54 -8.45
C VAL A 224 6.41 34.49 -9.63
N PRO A 225 7.59 34.73 -10.17
CA PRO A 225 7.73 35.66 -11.30
C PRO A 225 7.23 35.05 -12.60
N ALA A 226 7.06 35.91 -13.59
CA ALA A 226 6.72 35.45 -14.94
C ALA A 226 7.91 34.71 -15.53
N GLN A 227 7.65 33.53 -16.08
CA GLN A 227 8.73 32.69 -16.58
C GLN A 227 8.26 31.88 -17.78
N LYS A 228 9.23 31.42 -18.56
CA LYS A 228 9.05 30.38 -19.57
C LYS A 228 9.24 29.02 -18.92
N TYR A 229 8.40 28.06 -19.28
CA TYR A 229 8.39 26.79 -18.61
C TYR A 229 8.42 25.63 -19.60
N ALA A 230 9.02 24.54 -19.15
CA ALA A 230 8.79 23.22 -19.71
C ALA A 230 7.98 22.45 -18.68
N VAL A 231 6.82 21.95 -19.08
CA VAL A 231 5.91 21.27 -18.16
C VAL A 231 5.98 19.78 -18.43
N PHE A 232 6.37 19.01 -17.43
CA PHE A 232 6.38 17.56 -17.48
C PHE A 232 5.28 17.03 -16.57
N THR A 233 4.43 16.17 -17.11
CA THR A 233 3.36 15.57 -16.34
C THR A 233 3.83 14.30 -15.67
N HIS A 234 4.05 14.38 -14.37
CA HIS A 234 4.47 13.22 -13.62
C HIS A 234 3.25 12.40 -13.25
N LYS A 235 3.13 11.23 -13.87
CA LYS A 235 2.01 10.33 -13.61
C LYS A 235 2.43 9.23 -12.68
N GLY A 236 2.44 9.52 -11.39
CA GLY A 236 2.85 8.56 -10.38
C GLY A 236 2.74 9.03 -8.94
N THR A 237 3.49 8.38 -8.06
CA THR A 237 3.43 8.75 -6.65
C THR A 237 4.29 9.97 -6.40
N ALA A 238 4.11 10.57 -5.24
CA ALA A 238 4.80 11.80 -4.91
C ALA A 238 6.26 11.56 -4.51
N PRO A 239 6.58 10.54 -3.70
CA PRO A 239 8.00 10.17 -3.55
C PRO A 239 8.72 9.88 -4.85
N GLN A 240 7.97 9.52 -5.88
CA GLN A 240 8.56 9.24 -7.18
C GLN A 240 8.82 10.52 -7.98
N ILE A 241 8.41 11.66 -7.45
CA ILE A 241 8.60 12.92 -8.12
C ILE A 241 10.08 13.21 -8.33
N ALA A 242 10.89 12.87 -7.34
CA ALA A 242 12.33 13.11 -7.41
C ALA A 242 12.97 12.41 -8.61
N GLU A 243 12.50 11.20 -8.92
CA GLU A 243 13.04 10.49 -10.08
C GLU A 243 12.73 11.24 -11.37
N SER A 244 11.52 11.79 -11.49
CA SER A 244 11.20 12.61 -12.63
C SER A 244 12.12 13.82 -12.72
N PHE A 245 12.33 14.52 -11.60
CA PHE A 245 13.28 15.63 -11.58
C PHE A 245 14.65 15.18 -12.04
N GLN A 246 15.09 13.99 -11.60
CA GLN A 246 16.40 13.50 -12.00
C GLN A 246 16.46 13.28 -13.51
N ALA A 247 15.45 12.63 -14.08
CA ALA A 247 15.44 12.41 -15.52
C ALA A 247 15.36 13.74 -16.26
N ILE A 248 14.58 14.68 -15.75
CA ILE A 248 14.41 15.97 -16.43
C ILE A 248 15.76 16.66 -16.58
N TYR A 249 16.54 16.71 -15.51
CA TYR A 249 17.81 17.40 -15.55
C TYR A 249 18.96 16.52 -16.04
N SER A 250 18.73 15.24 -16.21
CA SER A 250 19.81 14.42 -16.72
C SER A 250 19.83 14.30 -18.25
N HIS A 251 18.71 14.49 -18.94
CA HIS A 251 18.73 14.33 -20.38
C HIS A 251 17.44 14.79 -21.05
N LEU A 252 16.32 14.76 -20.32
CA LEU A 252 15.02 15.05 -20.92
C LEU A 252 14.98 16.44 -21.55
N LEU A 253 15.52 17.45 -20.87
CA LEU A 253 15.58 18.78 -21.47
C LEU A 253 16.57 18.81 -22.62
N ALA A 254 17.73 18.16 -22.46
CA ALA A 254 18.74 18.21 -23.50
C ALA A 254 18.26 17.55 -24.77
N GLU A 255 17.60 16.41 -24.63
CA GLU A 255 17.09 15.68 -25.76
C GLU A 255 16.10 16.48 -26.57
N ARG A 256 15.59 17.55 -25.98
CA ARG A 256 14.64 18.40 -26.66
C ARG A 256 15.26 19.75 -26.93
N GLY A 257 16.56 19.87 -26.68
CA GLY A 257 17.27 21.10 -26.93
C GLY A 257 16.84 22.27 -26.08
N LEU A 258 16.27 21.98 -24.92
CA LEU A 258 15.87 23.01 -23.98
C LEU A 258 16.92 23.08 -22.88
N GLU A 259 17.14 24.27 -22.33
CA GLU A 259 18.13 24.46 -21.27
C GLU A 259 17.47 25.02 -20.01
N PRO A 260 17.72 24.41 -18.87
CA PRO A 260 17.10 24.97 -17.66
C PRO A 260 17.68 26.34 -17.36
N LYS A 261 16.86 27.17 -16.73
CA LYS A 261 17.26 28.51 -16.37
C LYS A 261 17.10 28.61 -14.87
N ALA A 262 17.93 29.45 -14.26
CA ALA A 262 17.87 29.64 -12.83
C ALA A 262 16.59 30.39 -12.51
N GLY A 263 15.81 29.86 -11.58
CA GLY A 263 14.57 30.51 -11.22
C GLY A 263 13.82 29.70 -10.21
N VAL A 264 12.50 29.78 -10.29
CA VAL A 264 11.66 29.03 -9.36
C VAL A 264 10.83 28.05 -10.17
N ASP A 265 10.88 26.79 -9.77
CA ASP A 265 10.03 25.76 -10.34
C ASP A 265 8.92 25.47 -9.35
N PHE A 266 7.93 24.70 -9.79
CA PHE A 266 6.91 24.31 -8.83
C PHE A 266 6.21 23.04 -9.29
N GLU A 267 5.64 22.34 -8.33
CA GLU A 267 4.74 21.24 -8.60
C GLU A 267 3.31 21.78 -8.63
N TYR A 268 2.54 21.34 -9.62
CA TYR A 268 1.20 21.84 -9.88
C TYR A 268 0.22 20.73 -9.52
N TYR A 269 -0.43 20.87 -8.38
CA TYR A 269 -1.39 19.88 -7.90
C TYR A 269 -2.80 20.40 -8.17
N ASP A 270 -3.54 19.70 -9.02
CA ASP A 270 -4.94 20.03 -9.24
C ASP A 270 -5.79 18.80 -9.00
N GLN A 271 -6.90 18.66 -9.74
CA GLN A 271 -7.80 17.55 -9.49
C GLN A 271 -7.14 16.21 -9.76
N ARG A 272 -6.18 16.18 -10.69
CA ARG A 272 -5.51 14.93 -11.04
C ARG A 272 -4.67 14.35 -9.90
N PHE A 273 -4.47 15.11 -8.84
CA PHE A 273 -3.68 14.63 -7.71
C PHE A 273 -4.57 13.96 -6.68
N ARG A 274 -4.30 12.68 -6.40
CA ARG A 274 -5.10 11.91 -5.47
C ARG A 274 -4.38 11.39 -4.23
N GLY A 275 -3.41 12.13 -3.73
CA GLY A 275 -2.68 11.74 -2.55
C GLY A 275 -1.24 11.35 -2.83
N PRO A 276 -0.35 11.61 -1.87
CA PRO A 276 1.08 11.39 -2.11
C PRO A 276 1.47 9.94 -2.30
N LEU A 277 0.62 8.98 -1.92
CA LEU A 277 0.94 7.56 -2.09
C LEU A 277 0.03 6.88 -3.09
N ASP A 278 -0.88 7.60 -3.74
CA ASP A 278 -1.71 6.99 -4.77
C ASP A 278 -0.94 6.94 -6.08
N PRO A 279 -0.68 5.77 -6.64
CA PRO A 279 0.05 5.70 -7.93
C PRO A 279 -0.73 6.29 -9.10
N ASN A 280 -1.99 6.67 -8.91
CA ASN A 280 -2.76 7.28 -9.98
C ASN A 280 -2.70 8.81 -9.96
N SER A 281 -2.01 9.40 -8.99
CA SER A 281 -1.89 10.85 -8.94
C SER A 281 -1.01 11.34 -10.10
N GLN A 282 -1.40 12.46 -10.67
CA GLN A 282 -0.60 13.14 -11.67
C GLN A 282 -0.21 14.51 -11.14
N VAL A 283 1.03 14.93 -11.42
CA VAL A 283 1.55 16.19 -10.93
C VAL A 283 2.32 16.85 -12.07
N ASP A 284 1.94 18.07 -12.43
CA ASP A 284 2.69 18.82 -13.43
C ASP A 284 3.89 19.49 -12.76
N LEU A 285 5.04 19.37 -13.39
CA LEU A 285 6.28 19.95 -12.90
C LEU A 285 6.70 21.07 -13.84
N TYR A 286 6.58 22.31 -13.37
CA TYR A 286 6.89 23.48 -14.18
C TYR A 286 8.39 23.75 -14.05
N ILE A 287 9.14 23.42 -15.10
CA ILE A 287 10.59 23.55 -15.13
C ILE A 287 10.92 24.85 -15.86
N PRO A 288 11.49 25.85 -15.20
CA PRO A 288 11.85 27.08 -15.91
C PRO A 288 13.00 26.87 -16.88
N ILE A 289 12.88 27.48 -18.07
CA ILE A 289 13.87 27.30 -19.13
C ILE A 289 14.23 28.63 -19.76
N TYR A 290 14.97 28.58 -20.87
CA TYR A 290 15.43 29.78 -21.56
C TYR A 290 14.54 30.11 -22.75
#